data_6GHS
#
_entry.id   6GHS
#
_cell.length_a   72.963
_cell.length_b   72.963
_cell.length_c   207.576
_cell.angle_alpha   90.00
_cell.angle_beta   90.00
_cell.angle_gamma   90.00
#
_symmetry.space_group_name_H-M   'P 41 21 2'
#
loop_
_entity.id
_entity.type
_entity.pdbx_description
1 polymer 'TagI restriction endonuclease'
2 non-polymer 'ZINC ION'
3 non-polymer 'SODIUM ION'
4 water water
#
_entity_poly.entity_id   1
_entity_poly.type   'polypeptide(L)'
_entity_poly.pdbx_seq_one_letter_code
;MAYKRTFGHIPGHPEGSTYSNRRQVQKAGLHAHLQAGISGTAKQGADAIVLNGGYPDDRDYGDEIIYTGHGGQDPVTKKQ
IRDQDLDDPGNAGLVRSQLEGLPVRVIRGAGGEKPYSPSSGYRYDGLYKVVAHWFANHEDAPQFRVCQFQLVKIYDQVAA
GVVVDNPDLSATAESTSVQGPAPHKKTTVSKAVRSAQVVKNVKGWHKHRCQVCGIVIEVDVGPYSQGAHIRPLGRKHGGP
DVESNMLCLCPNDHVRFDNGALYITDDLKVVNALNGEVIGPLRVHPRHVIDLDHIRYHRSQLPNIPLEGSS
;
_entity_poly.pdbx_strand_id   A
#
# COMPACT_ATOMS: atom_id res chain seq x y z
N ALA A 2 -16.10 -17.72 5.33
CA ALA A 2 -14.70 -17.25 5.57
C ALA A 2 -14.47 -15.86 4.96
N TYR A 3 -13.98 -14.92 5.77
CA TYR A 3 -13.57 -13.59 5.29
C TYR A 3 -12.33 -13.68 4.39
N LYS A 4 -12.39 -12.96 3.27
CA LYS A 4 -11.28 -12.83 2.32
C LYS A 4 -10.87 -11.34 2.33
N ARG A 5 -9.62 -11.06 2.72
CA ARG A 5 -9.12 -9.69 2.82
C ARG A 5 -8.89 -9.11 1.45
N THR A 6 -9.56 -8.00 1.18
CA THR A 6 -9.64 -7.51 -0.19
C THR A 6 -9.65 -6.00 -0.19
N PHE A 7 -8.80 -5.44 -1.04
CA PHE A 7 -8.57 -4.03 -1.08
C PHE A 7 -9.37 -3.43 -2.21
N GLY A 8 -10.00 -2.30 -1.91
CA GLY A 8 -10.81 -1.57 -2.88
C GLY A 8 -12.27 -1.70 -2.53
N HIS A 9 -13.11 -1.30 -3.47
CA HIS A 9 -14.56 -1.43 -3.31
C HIS A 9 -14.95 -2.91 -3.30
N ILE A 10 -16.07 -3.20 -2.62
CA ILE A 10 -16.62 -4.55 -2.56
C ILE A 10 -17.81 -4.62 -3.51
N PRO A 11 -17.85 -5.65 -4.39
CA PRO A 11 -19.00 -5.83 -5.27
C PRO A 11 -20.34 -5.86 -4.52
N GLY A 12 -21.27 -4.98 -4.93
CA GLY A 12 -22.61 -4.91 -4.38
C GLY A 12 -22.81 -3.85 -3.31
N HIS A 13 -21.71 -3.28 -2.80
CA HIS A 13 -21.79 -2.32 -1.69
C HIS A 13 -21.07 -1.05 -2.10
N PRO A 14 -21.82 -0.14 -2.79
CA PRO A 14 -21.19 1.08 -3.26
C PRO A 14 -21.00 2.08 -2.14
N GLU A 15 -20.17 3.09 -2.38
CA GLU A 15 -20.06 4.20 -1.45
C GLU A 15 -21.45 4.72 -1.16
N GLY A 16 -21.72 5.08 0.09
CA GLY A 16 -23.09 5.43 0.52
C GLY A 16 -23.86 4.34 1.26
N SER A 17 -23.58 3.06 0.96
CA SER A 17 -24.26 1.91 1.62
C SER A 17 -24.33 2.05 3.13
N THR A 18 -25.50 1.76 3.72
CA THR A 18 -25.72 1.81 5.18
C THR A 18 -25.99 0.42 5.72
N TYR A 19 -25.67 0.23 7.00
CA TYR A 19 -25.86 -1.05 7.73
C TYR A 19 -26.26 -0.79 9.19
N SER A 20 -26.93 -1.76 9.79
CA SER A 20 -27.56 -1.58 11.11
C SER A 20 -26.62 -1.84 12.30
N ASN A 21 -25.68 -2.75 12.14
CA ASN A 21 -24.72 -3.09 13.18
C ASN A 21 -23.47 -3.76 12.57
N ARG A 22 -22.47 -4.04 13.41
CA ARG A 22 -21.21 -4.58 12.94
C ARG A 22 -21.30 -5.96 12.30
N ARG A 23 -22.22 -6.80 12.75
CA ARG A 23 -22.35 -8.13 12.12
C ARG A 23 -22.76 -8.02 10.64
N GLN A 24 -23.57 -7.02 10.31
CA GLN A 24 -23.94 -6.75 8.91
C GLN A 24 -22.70 -6.48 8.07
N VAL A 25 -21.86 -5.56 8.58
CA VAL A 25 -20.66 -5.07 7.90
C VAL A 25 -19.71 -6.25 7.66
N GLN A 26 -19.61 -7.11 8.67
CA GLN A 26 -18.81 -8.32 8.58
C GLN A 26 -19.32 -9.27 7.49
N LYS A 27 -20.64 -9.47 7.42
CA LYS A 27 -21.24 -10.40 6.43
C LYS A 27 -21.11 -9.89 5.01
N ALA A 28 -21.32 -8.59 4.86
CA ALA A 28 -21.14 -7.93 3.58
C ALA A 28 -19.73 -8.09 2.98
N GLY A 29 -18.72 -8.28 3.82
CA GLY A 29 -17.33 -8.40 3.40
C GLY A 29 -16.53 -7.12 3.53
N LEU A 30 -17.06 -6.14 4.28
CA LEU A 30 -16.44 -4.83 4.39
C LEU A 30 -15.28 -4.77 5.38
N HIS A 31 -15.44 -5.48 6.48
CA HIS A 31 -14.45 -5.55 7.55
C HIS A 31 -14.26 -7.02 7.88
N ALA A 32 -13.26 -7.35 8.67
CA ALA A 32 -13.01 -8.74 9.04
C ALA A 32 -13.62 -9.08 10.39
N HIS A 33 -13.90 -8.05 11.18
CA HIS A 33 -14.01 -8.16 12.64
C HIS A 33 -15.29 -7.57 13.15
N LEU A 34 -15.66 -7.96 14.36
CA LEU A 34 -16.94 -7.61 15.00
C LEU A 34 -16.85 -6.37 15.92
N GLN A 35 -15.73 -6.25 16.63
CA GLN A 35 -15.47 -5.13 17.54
C GLN A 35 -14.27 -4.34 17.03
N ALA A 36 -13.14 -5.02 16.87
CA ALA A 36 -11.87 -4.39 16.50
C ALA A 36 -12.01 -3.32 15.42
N GLY A 37 -11.38 -2.18 15.64
CA GLY A 37 -11.46 -1.05 14.71
C GLY A 37 -10.79 -1.31 13.38
N ILE A 38 -9.61 -1.92 13.41
CA ILE A 38 -8.82 -2.14 12.21
C ILE A 38 -8.97 -3.58 11.70
N SER A 39 -9.37 -3.69 10.44
CA SER A 39 -9.28 -4.94 9.68
C SER A 39 -7.91 -5.00 9.03
N GLY A 40 -7.00 -5.81 9.54
CA GLY A 40 -5.67 -5.85 8.94
C GLY A 40 -4.60 -6.68 9.62
N THR A 41 -3.52 -6.88 8.88
CA THR A 41 -2.44 -7.80 9.22
C THR A 41 -1.11 -7.24 8.72
N ALA A 42 -0.06 -7.42 9.50
CA ALA A 42 1.27 -6.89 9.16
C ALA A 42 1.78 -7.37 7.80
N LYS A 43 1.48 -8.61 7.46
CA LYS A 43 1.95 -9.24 6.22
C LYS A 43 1.24 -8.67 5.01
N GLN A 44 -0.09 -8.62 5.05
CA GLN A 44 -0.92 -8.35 3.85
C GLN A 44 -1.43 -6.92 3.67
N GLY A 45 -1.45 -6.14 4.75
CA GLY A 45 -1.94 -4.75 4.72
C GLY A 45 -3.29 -4.66 5.41
N ALA A 46 -3.81 -3.45 5.57
CA ALA A 46 -5.12 -3.21 6.18
C ALA A 46 -6.11 -2.81 5.11
N ASP A 47 -7.23 -3.52 5.02
CA ASP A 47 -8.25 -3.27 4.00
C ASP A 47 -9.41 -2.41 4.51
N ALA A 48 -9.60 -2.30 5.82
CA ALA A 48 -10.64 -1.42 6.33
C ALA A 48 -10.39 -0.91 7.74
N ILE A 49 -11.02 0.22 8.05
CA ILE A 49 -11.13 0.70 9.41
C ILE A 49 -12.55 1.13 9.69
N VAL A 50 -12.96 1.00 10.94
CA VAL A 50 -14.26 1.46 11.43
C VAL A 50 -13.99 2.58 12.41
N LEU A 51 -14.69 3.71 12.20
CA LEU A 51 -14.44 4.93 12.93
C LEU A 51 -15.68 5.33 13.71
N ASN A 52 -15.65 5.03 15.01
CA ASN A 52 -16.79 5.17 15.91
C ASN A 52 -16.27 5.74 17.24
N GLY A 53 -15.59 6.90 17.16
CA GLY A 53 -14.99 7.57 18.34
C GLY A 53 -14.29 6.66 19.34
N GLY A 54 -13.39 5.80 18.84
CA GLY A 54 -12.68 4.81 19.66
C GLY A 54 -11.66 5.41 20.63
N TYR A 55 -10.96 6.46 20.21
CA TYR A 55 -10.11 7.27 21.09
C TYR A 55 -10.50 8.73 20.96
N PRO A 56 -10.25 9.55 22.02
CA PRO A 56 -10.48 10.99 21.89
C PRO A 56 -9.35 11.73 21.17
N ASP A 57 -8.27 11.02 20.85
CA ASP A 57 -7.19 11.51 19.99
C ASP A 57 -7.60 11.61 18.51
N ASP A 58 -8.53 10.74 18.09
CA ASP A 58 -9.10 10.74 16.72
C ASP A 58 -9.60 12.13 16.33
N ARG A 59 -9.34 12.55 15.09
CA ARG A 59 -9.92 13.78 14.53
C ARG A 59 -10.52 13.43 13.21
N ASP A 60 -11.66 14.03 12.91
CA ASP A 60 -12.38 13.74 11.69
C ASP A 60 -12.68 15.05 10.95
N TYR A 61 -12.13 15.19 9.76
CA TYR A 61 -12.34 16.37 8.93
C TYR A 61 -12.99 16.02 7.57
N GLY A 62 -13.70 14.88 7.53
CA GLY A 62 -14.40 14.45 6.30
C GLY A 62 -13.45 13.84 5.30
N ASP A 63 -12.76 14.69 4.56
CA ASP A 63 -11.75 14.25 3.57
C ASP A 63 -10.40 13.88 4.17
N GLU A 64 -10.08 14.43 5.35
CA GLU A 64 -8.90 14.04 6.14
C GLU A 64 -9.35 13.34 7.43
N ILE A 65 -8.59 12.34 7.87
CA ILE A 65 -8.81 11.65 9.14
C ILE A 65 -7.50 11.38 9.86
N ILE A 66 -7.44 11.78 11.12
CA ILE A 66 -6.39 11.35 12.03
C ILE A 66 -6.97 10.17 12.80
N TYR A 67 -6.58 8.95 12.42
CA TYR A 67 -7.05 7.74 13.10
C TYR A 67 -6.02 7.26 14.11
N THR A 68 -6.50 6.89 15.29
CA THR A 68 -5.63 6.36 16.36
C THR A 68 -5.74 4.84 16.41
N GLY A 69 -4.60 4.21 16.65
CA GLY A 69 -4.46 2.77 16.46
C GLY A 69 -4.96 1.93 17.61
N HIS A 70 -4.63 0.65 17.53
CA HIS A 70 -5.08 -0.35 18.46
C HIS A 70 -3.97 -0.73 19.44
N GLY A 71 -4.36 -1.10 20.66
CA GLY A 71 -3.46 -1.68 21.65
C GLY A 71 -3.38 -0.94 22.99
N GLY A 72 -3.01 -1.69 24.03
CA GLY A 72 -2.72 -1.12 25.35
C GLY A 72 -3.89 -0.67 26.21
N GLN A 73 -5.07 -1.25 26.01
CA GLN A 73 -6.24 -0.91 26.83
C GLN A 73 -6.50 -1.97 27.86
N ASP A 74 -6.97 -1.56 29.04
CA ASP A 74 -7.44 -2.51 30.03
C ASP A 74 -8.83 -2.95 29.61
N PRO A 75 -9.07 -4.27 29.51
CA PRO A 75 -10.38 -4.76 29.10
C PRO A 75 -11.50 -4.26 30.04
N VAL A 76 -11.22 -4.27 31.34
CA VAL A 76 -12.18 -3.86 32.36
C VAL A 76 -12.30 -2.33 32.37
N THR A 77 -11.18 -1.65 32.63
CA THR A 77 -11.14 -0.17 32.78
C THR A 77 -11.53 0.60 31.52
N LYS A 78 -11.12 0.07 30.36
CA LYS A 78 -11.17 0.77 29.08
C LYS A 78 -10.24 2.01 29.08
N LYS A 79 -9.15 1.93 29.85
CA LYS A 79 -8.18 3.03 30.01
C LYS A 79 -6.80 2.51 29.61
N GLN A 80 -6.01 3.38 28.98
CA GLN A 80 -4.65 3.02 28.55
C GLN A 80 -3.77 2.61 29.74
N ILE A 81 -3.12 1.45 29.62
CA ILE A 81 -2.19 0.96 30.65
C ILE A 81 -0.76 0.64 30.14
N ARG A 82 -0.52 0.76 28.84
CA ARG A 82 0.83 0.61 28.26
C ARG A 82 0.90 1.22 26.85
N ASP A 83 2.12 1.33 26.33
CA ASP A 83 2.38 1.96 25.02
C ASP A 83 1.91 1.09 23.86
N GLN A 84 1.47 1.75 22.77
CA GLN A 84 1.16 1.04 21.52
C GLN A 84 2.42 0.76 20.70
N ASP A 85 2.42 -0.33 19.94
CA ASP A 85 3.60 -0.72 19.14
C ASP A 85 3.16 -1.24 17.79
N LEU A 86 4.13 -1.49 16.91
CA LEU A 86 3.85 -1.97 15.56
C LEU A 86 3.88 -3.49 15.43
N ASP A 87 3.89 -4.20 16.56
CA ASP A 87 3.56 -5.64 16.56
C ASP A 87 2.06 -5.89 16.38
N ASP A 88 1.23 -4.90 16.74
CA ASP A 88 -0.21 -5.03 16.60
C ASP A 88 -0.50 -5.18 15.12
N PRO A 89 -1.20 -6.26 14.73
CA PRO A 89 -1.39 -6.49 13.30
C PRO A 89 -2.13 -5.36 12.60
N GLY A 90 -3.08 -4.75 13.29
CA GLY A 90 -3.85 -3.66 12.72
C GLY A 90 -3.02 -2.41 12.55
N ASN A 91 -2.18 -2.12 13.53
CA ASN A 91 -1.26 -1.00 13.40
C ASN A 91 -0.24 -1.25 12.30
N ALA A 92 0.33 -2.44 12.31
CA ALA A 92 1.35 -2.78 11.31
C ALA A 92 0.73 -2.78 9.93
N GLY A 93 -0.44 -3.39 9.80
CA GLY A 93 -1.14 -3.49 8.52
C GLY A 93 -1.42 -2.14 7.93
N LEU A 94 -1.79 -1.20 8.78
CA LEU A 94 -2.04 0.16 8.33
C LEU A 94 -0.80 0.87 7.79
N VAL A 95 0.37 0.59 8.35
CA VAL A 95 1.61 1.18 7.81
C VAL A 95 1.95 0.52 6.49
N ARG A 96 1.76 -0.79 6.42
CA ARG A 96 2.00 -1.56 5.22
C ARG A 96 1.05 -1.11 4.11
N SER A 97 -0.16 -0.67 4.46
CA SER A 97 -1.06 -0.08 3.46
C SER A 97 -0.50 1.23 2.91
N GLN A 98 -0.01 2.06 3.81
CA GLN A 98 0.61 3.33 3.46
C GLN A 98 1.78 3.10 2.50
N LEU A 99 2.67 2.17 2.83
CA LEU A 99 3.85 1.90 2.00
C LEU A 99 3.54 1.29 0.62
N GLU A 100 2.65 0.30 0.58
CA GLU A 100 2.25 -0.32 -0.69
C GLU A 100 1.24 0.52 -1.46
N GLY A 101 0.73 1.58 -0.84
CA GLY A 101 -0.27 2.43 -1.46
C GLY A 101 -1.57 1.69 -1.67
N LEU A 102 -2.02 0.96 -0.64
CA LEU A 102 -3.24 0.17 -0.71
C LEU A 102 -4.33 1.00 -0.12
N PRO A 103 -5.47 1.13 -0.83
CA PRO A 103 -6.58 1.93 -0.33
C PRO A 103 -7.31 1.23 0.81
N VAL A 104 -7.90 2.02 1.69
CA VAL A 104 -8.51 1.51 2.91
C VAL A 104 -9.97 1.94 2.95
N ARG A 105 -10.88 0.97 2.96
CA ARG A 105 -12.31 1.27 3.16
C ARG A 105 -12.56 1.88 4.55
N VAL A 106 -12.95 3.15 4.59
CA VAL A 106 -13.47 3.72 5.82
C VAL A 106 -14.96 3.43 5.92
N ILE A 107 -15.36 2.83 7.05
CA ILE A 107 -16.76 2.63 7.44
C ILE A 107 -16.96 3.50 8.65
N ARG A 108 -17.89 4.44 8.56
CA ARG A 108 -18.08 5.44 9.63
C ARG A 108 -19.26 5.03 10.52
N GLY A 109 -19.14 5.30 11.82
CA GLY A 109 -20.06 4.77 12.82
C GLY A 109 -20.83 5.84 13.55
N ALA A 110 -21.91 5.41 14.22
CA ALA A 110 -22.88 6.29 14.88
C ALA A 110 -22.30 7.20 15.96
N GLY A 111 -21.43 6.66 16.82
CA GLY A 111 -20.92 7.39 17.98
C GLY A 111 -19.81 8.41 17.77
N GLY A 112 -19.30 8.55 16.55
CA GLY A 112 -18.14 9.42 16.26
C GLY A 112 -18.36 10.92 16.23
N GLU A 113 -17.53 11.61 15.44
CA GLU A 113 -17.54 13.08 15.31
C GLU A 113 -18.82 13.52 14.60
N LYS A 114 -19.39 14.65 15.05
CA LYS A 114 -20.81 14.93 14.84
C LYS A 114 -21.30 15.19 13.40
N PRO A 115 -20.68 16.17 12.68
CA PRO A 115 -21.22 16.46 11.33
C PRO A 115 -21.15 15.29 10.33
N TYR A 116 -20.09 14.50 10.40
CA TYR A 116 -19.77 13.48 9.38
C TYR A 116 -20.34 12.10 9.71
N SER A 117 -20.54 11.80 10.99
CA SER A 117 -21.10 10.50 11.41
C SER A 117 -22.57 10.40 11.02
N PRO A 118 -23.09 9.18 10.78
CA PRO A 118 -24.54 9.02 10.64
C PRO A 118 -25.25 9.16 11.99
N SER A 119 -26.57 9.39 11.93
CA SER A 119 -27.39 9.53 13.13
C SER A 119 -27.61 8.16 13.81
N SER A 120 -27.71 7.10 13.01
CA SER A 120 -27.70 5.74 13.53
C SER A 120 -27.24 4.73 12.48
N GLY A 121 -26.68 3.61 12.97
CA GLY A 121 -26.15 2.54 12.12
C GLY A 121 -24.68 2.73 11.77
N TYR A 122 -24.32 2.28 10.58
CA TYR A 122 -22.96 2.39 10.04
C TYR A 122 -23.05 2.66 8.53
N ARG A 123 -22.43 3.73 8.05
CA ARG A 123 -22.34 4.01 6.61
C ARG A 123 -20.92 3.68 6.10
N TYR A 124 -20.85 3.13 4.88
CA TYR A 124 -19.57 2.95 4.20
C TYR A 124 -19.26 4.22 3.39
N ASP A 125 -18.21 4.95 3.76
CA ASP A 125 -17.85 6.22 3.11
C ASP A 125 -16.72 6.14 2.08
N GLY A 126 -16.56 4.98 1.43
CA GLY A 126 -15.55 4.83 0.37
C GLY A 126 -14.09 4.69 0.78
N LEU A 127 -13.21 4.72 -0.20
CA LEU A 127 -11.79 4.45 -0.01
C LEU A 127 -10.99 5.71 0.37
N TYR A 128 -10.07 5.53 1.32
CA TYR A 128 -9.07 6.53 1.69
C TYR A 128 -7.67 5.94 1.53
N LYS A 129 -6.70 6.84 1.42
CA LYS A 129 -5.29 6.50 1.23
C LYS A 129 -4.63 6.83 2.55
N VAL A 130 -3.72 5.97 3.01
CA VAL A 130 -2.95 6.25 4.22
C VAL A 130 -1.70 6.98 3.75
N VAL A 131 -1.40 8.12 4.36
CA VAL A 131 -0.34 9.00 3.87
C VAL A 131 0.87 9.02 4.80
N ALA A 132 0.64 9.11 6.11
CA ALA A 132 1.74 9.12 7.08
C ALA A 132 1.31 8.48 8.37
N HIS A 133 2.30 8.15 9.21
CA HIS A 133 2.03 7.66 10.55
C HIS A 133 3.06 8.15 11.56
N TRP A 134 2.66 8.19 12.82
CA TRP A 134 3.55 8.66 13.88
C TRP A 134 3.07 8.15 15.21
N PHE A 135 3.83 8.46 16.26
CA PHE A 135 3.42 8.24 17.63
C PHE A 135 3.26 9.57 18.33
N ALA A 136 2.25 9.64 19.20
CA ALA A 136 2.00 10.82 20.03
C ALA A 136 1.61 10.35 21.42
N ASN A 137 1.40 11.31 22.32
CA ASN A 137 0.94 11.02 23.66
C ASN A 137 -0.57 10.99 23.69
N HIS A 138 -1.11 9.99 24.36
CA HIS A 138 -2.54 9.84 24.60
C HIS A 138 -3.07 11.05 25.38
N GLU A 139 -4.25 11.55 25.00
CA GLU A 139 -4.81 12.74 25.63
C GLU A 139 -5.20 12.50 27.09
N ASP A 140 -5.90 11.40 27.34
CA ASP A 140 -6.33 11.07 28.69
C ASP A 140 -5.19 10.62 29.60
N ALA A 141 -4.06 10.15 29.04
CA ALA A 141 -2.92 9.71 29.85
C ALA A 141 -1.61 9.94 29.11
N PRO A 142 -1.11 11.19 29.13
CA PRO A 142 0.11 11.57 28.43
C PRO A 142 1.36 10.69 28.64
N GLN A 143 1.43 9.93 29.74
CA GLN A 143 2.58 9.03 29.95
C GLN A 143 2.63 7.82 28.99
N PHE A 144 1.55 7.61 28.23
CA PHE A 144 1.46 6.52 27.25
C PHE A 144 1.39 7.04 25.81
N ARG A 145 2.10 6.32 24.95
CA ARG A 145 2.20 6.62 23.54
C ARG A 145 1.13 5.86 22.79
N VAL A 146 0.55 6.51 21.80
CA VAL A 146 -0.32 5.84 20.83
C VAL A 146 0.19 6.07 19.42
N CYS A 147 -0.18 5.14 18.54
CA CYS A 147 0.13 5.19 17.13
C CYS A 147 -0.96 5.96 16.40
N GLN A 148 -0.61 6.77 15.41
CA GLN A 148 -1.62 7.52 14.65
C GLN A 148 -1.35 7.56 13.16
N PHE A 149 -2.41 7.70 12.39
CA PHE A 149 -2.35 7.64 10.94
C PHE A 149 -3.07 8.85 10.36
N GLN A 150 -2.60 9.30 9.21
CA GLN A 150 -3.29 10.32 8.42
C GLN A 150 -3.91 9.66 7.18
N LEU A 151 -5.24 9.77 7.04
CA LEU A 151 -5.97 9.22 5.89
C LEU A 151 -6.63 10.32 5.06
N VAL A 152 -6.52 10.21 3.74
CA VAL A 152 -6.99 11.21 2.78
C VAL A 152 -7.91 10.52 1.79
N LYS A 153 -9.04 11.13 1.47
CA LYS A 153 -9.97 10.50 0.57
C LYS A 153 -9.44 10.41 -0.85
N ILE A 154 -9.51 9.21 -1.39
CA ILE A 154 -9.22 8.96 -2.78
C ILE A 154 -10.47 9.37 -3.56
N TYR A 155 -10.31 10.37 -4.42
CA TYR A 155 -11.39 10.81 -5.32
C TYR A 155 -11.25 10.22 -6.72
N ASP A 156 -10.03 10.23 -7.26
CA ASP A 156 -9.72 9.52 -8.49
C ASP A 156 -8.64 8.48 -8.19
N GLN A 157 -8.87 7.23 -8.60
CA GLN A 157 -7.96 6.12 -8.28
C GLN A 157 -6.66 6.07 -9.10
N VAL A 158 -6.72 6.54 -10.34
CA VAL A 158 -5.51 6.63 -11.20
C VAL A 158 -4.63 7.83 -10.76
N ALA A 159 -5.26 8.89 -10.23
CA ALA A 159 -4.54 10.08 -9.77
C ALA A 159 -3.65 9.82 -8.54
N ALA A 160 -4.20 9.20 -7.49
CA ALA A 160 -3.50 9.02 -6.19
C ALA A 160 -2.50 7.84 -6.15
N GLY A 161 -2.47 7.01 -7.21
CA GLY A 161 -1.44 5.98 -7.40
C GLY A 161 -1.70 4.66 -6.71
N VAL A 162 -2.96 4.42 -6.34
CA VAL A 162 -3.31 3.23 -5.55
C VAL A 162 -3.40 1.95 -6.39
N VAL A 163 -3.31 0.83 -5.68
CA VAL A 163 -3.39 -0.50 -6.25
C VAL A 163 -4.53 -1.26 -5.56
N VAL A 164 -5.39 -1.92 -6.35
CA VAL A 164 -6.58 -2.61 -5.84
C VAL A 164 -6.60 -4.08 -6.29
N ASP A 165 -7.35 -4.91 -5.56
CA ASP A 165 -7.36 -6.37 -5.79
C ASP A 165 -8.10 -6.78 -7.06
N ASN A 166 -9.33 -6.28 -7.23
CA ASN A 166 -10.12 -6.55 -8.46
C ASN A 166 -10.38 -5.24 -9.24
N PRO A 167 -9.63 -5.02 -10.35
CA PRO A 167 -9.93 -3.96 -11.32
C PRO A 167 -10.65 -4.52 -12.56
N VAL A 193 -6.70 1.37 -13.50
CA VAL A 193 -6.19 1.00 -12.17
C VAL A 193 -5.22 -0.19 -12.27
N ARG A 194 -4.35 -0.31 -11.28
CA ARG A 194 -3.26 -1.28 -11.27
C ARG A 194 -3.51 -2.40 -10.28
N SER A 195 -3.10 -3.61 -10.65
CA SER A 195 -3.37 -4.81 -9.85
C SER A 195 -2.41 -4.87 -8.67
N ALA A 196 -2.99 -4.95 -7.48
CA ALA A 196 -2.23 -5.13 -6.24
C ALA A 196 -1.47 -6.46 -6.21
N GLN A 197 -2.13 -7.51 -6.70
CA GLN A 197 -1.57 -8.87 -6.74
C GLN A 197 -0.22 -8.95 -7.45
N VAL A 198 -0.09 -8.18 -8.54
CA VAL A 198 1.09 -8.21 -9.41
C VAL A 198 2.31 -7.74 -8.63
N VAL A 199 2.14 -6.58 -7.99
CA VAL A 199 3.17 -5.93 -7.17
C VAL A 199 3.57 -6.87 -6.04
N LYS A 200 2.56 -7.35 -5.31
CA LYS A 200 2.75 -8.21 -4.16
C LYS A 200 3.53 -9.49 -4.48
N ASN A 201 3.30 -10.08 -5.65
CA ASN A 201 4.05 -11.26 -6.11
C ASN A 201 5.53 -10.95 -6.31
N VAL A 202 5.77 -9.88 -7.06
CA VAL A 202 7.11 -9.52 -7.50
C VAL A 202 7.97 -9.16 -6.30
N LYS A 203 7.41 -8.37 -5.40
CA LYS A 203 8.10 -8.00 -4.15
C LYS A 203 8.30 -9.20 -3.21
N GLY A 204 7.28 -10.07 -3.12
CA GLY A 204 7.36 -11.30 -2.35
C GLY A 204 8.43 -12.27 -2.84
N TRP A 205 8.55 -12.44 -4.15
CA TRP A 205 9.57 -13.33 -4.72
C TRP A 205 10.98 -12.84 -4.47
N HIS A 206 11.15 -11.52 -4.45
CA HIS A 206 12.46 -10.88 -4.28
C HIS A 206 12.75 -10.49 -2.83
N LYS A 207 11.71 -10.45 -2.00
CA LYS A 207 11.80 -10.01 -0.61
C LYS A 207 12.28 -8.58 -0.50
N HIS A 208 11.61 -7.73 -1.26
CA HIS A 208 11.91 -6.30 -1.33
C HIS A 208 13.39 -5.93 -1.61
N ARG A 209 14.12 -6.81 -2.30
CA ARG A 209 15.51 -6.53 -2.67
C ARG A 209 15.49 -5.93 -4.03
N CYS A 210 16.22 -4.84 -4.18
CA CYS A 210 16.39 -4.20 -5.47
C CYS A 210 17.09 -5.15 -6.40
N GLN A 211 16.51 -5.33 -7.58
CA GLN A 211 17.09 -6.19 -8.60
C GLN A 211 18.38 -5.61 -9.19
N VAL A 212 18.64 -4.31 -8.99
CA VAL A 212 19.84 -3.67 -9.50
C VAL A 212 20.97 -3.59 -8.48
N CYS A 213 20.70 -3.00 -7.30
CA CYS A 213 21.75 -2.72 -6.29
C CYS A 213 21.74 -3.67 -5.09
N GLY A 214 20.76 -4.56 -5.02
CA GLY A 214 20.73 -5.59 -3.99
C GLY A 214 20.16 -5.21 -2.64
N ILE A 215 19.95 -3.92 -2.34
CA ILE A 215 19.53 -3.57 -0.99
C ILE A 215 18.06 -3.70 -0.74
N VAL A 216 17.76 -3.88 0.53
CA VAL A 216 16.44 -3.76 1.08
C VAL A 216 16.43 -2.49 1.89
N ILE A 217 15.43 -1.66 1.68
CA ILE A 217 15.20 -0.51 2.50
C ILE A 217 14.41 -1.02 3.70
N GLU A 218 14.97 -0.84 4.89
CA GLU A 218 14.29 -1.20 6.13
C GLU A 218 13.67 0.05 6.72
N VAL A 219 12.37 0.02 6.97
CA VAL A 219 11.68 1.07 7.72
C VAL A 219 11.11 0.48 9.02
N ASP A 220 10.36 1.29 9.78
CA ASP A 220 9.87 0.90 11.10
C ASP A 220 9.10 -0.40 11.10
N VAL A 221 8.17 -0.54 10.18
CA VAL A 221 7.34 -1.74 10.13
C VAL A 221 8.01 -2.95 9.49
N GLY A 222 9.03 -2.73 8.65
CA GLY A 222 9.65 -3.83 7.94
C GLY A 222 10.32 -3.41 6.65
N PRO A 223 10.45 -4.33 5.66
CA PRO A 223 11.12 -4.05 4.37
C PRO A 223 10.28 -3.22 3.43
N TYR A 224 10.93 -2.49 2.54
CA TYR A 224 10.27 -1.57 1.62
C TYR A 224 10.90 -1.59 0.22
N SER A 225 10.08 -1.60 -0.82
CA SER A 225 10.58 -1.49 -2.18
C SER A 225 9.51 -0.91 -3.09
N GLN A 226 9.85 -0.75 -4.36
CA GLN A 226 8.94 -0.22 -5.36
C GLN A 226 8.84 -1.19 -6.54
N GLY A 227 7.62 -1.41 -6.98
CA GLY A 227 7.35 -2.16 -8.21
C GLY A 227 7.42 -1.21 -9.40
N ALA A 228 8.29 -1.53 -10.34
CA ALA A 228 8.58 -0.66 -11.46
C ALA A 228 8.30 -1.41 -12.76
N HIS A 229 7.30 -0.95 -13.49
CA HIS A 229 7.00 -1.51 -14.79
C HIS A 229 8.13 -1.20 -15.76
N ILE A 230 8.39 -2.15 -16.64
CA ILE A 230 9.52 -2.07 -17.56
C ILE A 230 9.06 -1.31 -18.80
N ARG A 231 8.04 -1.84 -19.45
CA ARG A 231 7.35 -1.11 -20.52
C ARG A 231 6.17 -0.37 -19.92
N PRO A 232 6.18 0.99 -19.95
CA PRO A 232 5.19 1.73 -19.16
C PRO A 232 3.74 1.45 -19.56
N LEU A 233 2.82 1.72 -18.64
CA LEU A 233 1.42 1.50 -18.87
C LEU A 233 0.82 2.68 -19.63
N GLY A 234 -0.37 2.49 -20.19
CA GLY A 234 -1.17 3.60 -20.72
C GLY A 234 -1.25 3.72 -22.22
N ARG A 235 -1.88 4.81 -22.66
CA ARG A 235 -2.29 4.99 -24.07
C ARG A 235 -1.17 4.88 -25.09
N LYS A 236 -0.07 5.57 -24.85
CA LYS A 236 1.05 5.58 -25.81
C LYS A 236 1.77 4.22 -25.90
N HIS A 237 2.23 3.73 -24.75
CA HIS A 237 3.11 2.56 -24.69
C HIS A 237 2.37 1.23 -24.57
N GLY A 238 1.25 1.22 -23.83
CA GLY A 238 0.38 0.04 -23.73
C GLY A 238 1.07 -1.18 -23.16
N GLY A 239 1.76 -0.99 -22.05
CA GLY A 239 2.40 -2.08 -21.34
C GLY A 239 1.37 -2.85 -20.54
N PRO A 240 1.55 -4.17 -20.42
CA PRO A 240 0.65 -4.93 -19.58
C PRO A 240 1.03 -4.75 -18.12
N ASP A 241 0.02 -4.80 -17.25
CA ASP A 241 0.24 -4.77 -15.81
C ASP A 241 0.39 -6.22 -15.32
N VAL A 242 1.58 -6.77 -15.54
CA VAL A 242 1.88 -8.14 -15.13
C VAL A 242 3.30 -8.34 -14.62
N GLU A 243 3.47 -9.44 -13.89
CA GLU A 243 4.70 -9.77 -13.18
C GLU A 243 5.90 -9.74 -14.11
N SER A 244 5.69 -10.16 -15.37
CA SER A 244 6.76 -10.21 -16.38
C SER A 244 7.20 -8.82 -16.91
N ASN A 245 6.38 -7.80 -16.68
CA ASN A 245 6.68 -6.44 -17.09
C ASN A 245 6.94 -5.56 -15.85
N MET A 246 7.68 -6.08 -14.88
CA MET A 246 7.89 -5.38 -13.62
C MET A 246 9.17 -5.82 -12.94
N LEU A 247 9.84 -4.87 -12.29
CA LEU A 247 11.03 -5.13 -11.47
C LEU A 247 10.84 -4.60 -10.07
N CYS A 248 11.29 -5.35 -9.07
CA CYS A 248 11.42 -4.83 -7.70
C CYS A 248 12.70 -4.00 -7.59
N LEU A 249 12.56 -2.72 -7.25
CA LEU A 249 13.68 -1.78 -7.16
C LEU A 249 13.63 -0.90 -5.92
N CYS A 250 14.79 -0.42 -5.46
CA CYS A 250 14.85 0.58 -4.41
C CYS A 250 14.41 1.89 -5.03
N PRO A 251 13.98 2.85 -4.20
CA PRO A 251 13.53 4.14 -4.74
C PRO A 251 14.51 4.88 -5.64
N ASN A 252 15.81 4.84 -5.30
CA ASN A 252 16.87 5.47 -6.11
C ASN A 252 16.95 4.85 -7.51
N ASP A 253 17.02 3.53 -7.57
CA ASP A 253 17.11 2.88 -8.88
C ASP A 253 15.84 2.99 -9.71
N HIS A 254 14.67 3.04 -9.07
CA HIS A 254 13.41 3.32 -9.81
C HIS A 254 13.55 4.63 -10.64
N VAL A 255 14.02 5.68 -10.00
CA VAL A 255 14.14 6.98 -10.63
C VAL A 255 15.09 6.94 -11.82
N ARG A 256 16.25 6.34 -11.61
CA ARG A 256 17.23 6.16 -12.69
C ARG A 256 16.62 5.39 -13.87
N PHE A 257 15.99 4.28 -13.53
CA PHE A 257 15.38 3.39 -14.51
C PHE A 257 14.29 4.06 -15.39
N ASP A 258 13.49 4.95 -14.79
CA ASP A 258 12.40 5.66 -15.50
C ASP A 258 12.87 6.92 -16.26
N ASN A 259 14.10 7.38 -16.03
CA ASN A 259 14.63 8.60 -16.68
C ASN A 259 15.99 8.42 -17.35
N GLY A 260 16.11 7.38 -18.16
CA GLY A 260 17.28 7.13 -19.04
C GLY A 260 18.66 6.98 -18.42
N ALA A 261 18.76 6.44 -17.19
CA ALA A 261 20.07 6.22 -16.52
C ALA A 261 20.48 4.73 -16.34
N LEU A 262 19.57 3.82 -16.72
CA LEU A 262 19.80 2.39 -16.68
C LEU A 262 19.10 1.78 -17.89
N TYR A 263 19.72 0.76 -18.49
CA TYR A 263 18.99 -0.19 -19.32
C TYR A 263 19.52 -1.57 -19.01
N ILE A 264 18.76 -2.55 -19.50
CA ILE A 264 19.07 -3.95 -19.34
C ILE A 264 19.32 -4.53 -20.72
N THR A 265 20.38 -5.35 -20.84
CA THR A 265 20.72 -6.08 -22.07
C THR A 265 19.84 -7.30 -22.26
N ASP A 266 19.90 -7.87 -23.46
CA ASP A 266 19.22 -9.14 -23.76
C ASP A 266 19.74 -10.26 -22.85
N ASP A 267 21.02 -10.22 -22.48
CA ASP A 267 21.57 -11.22 -21.57
C ASP A 267 21.46 -10.79 -20.10
N LEU A 268 20.50 -9.92 -19.78
CA LEU A 268 20.18 -9.48 -18.40
C LEU A 268 21.30 -8.88 -17.54
N LYS A 269 22.14 -8.06 -18.17
CA LYS A 269 23.06 -7.22 -17.44
C LYS A 269 22.46 -5.82 -17.32
N VAL A 270 22.75 -5.15 -16.21
CA VAL A 270 22.33 -3.77 -15.96
C VAL A 270 23.44 -2.87 -16.43
N VAL A 271 23.11 -1.89 -17.25
CA VAL A 271 24.11 -1.01 -17.86
C VAL A 271 23.76 0.43 -17.58
N ASN A 272 24.76 1.22 -17.22
CA ASN A 272 24.60 2.67 -17.01
C ASN A 272 24.44 3.35 -18.38
N ALA A 273 23.22 3.77 -18.69
CA ALA A 273 22.93 4.44 -19.94
C ALA A 273 23.63 5.79 -20.16
N LEU A 274 24.04 6.47 -19.09
CA LEU A 274 24.68 7.77 -19.23
C LEU A 274 26.08 7.66 -19.76
N ASN A 275 26.85 6.70 -19.26
CA ASN A 275 28.25 6.55 -19.66
C ASN A 275 28.59 5.22 -20.36
N GLY A 276 27.61 4.34 -20.54
CA GLY A 276 27.83 3.03 -21.19
C GLY A 276 28.39 1.91 -20.32
N GLU A 277 28.85 2.26 -19.12
CA GLU A 277 29.53 1.32 -18.24
C GLU A 277 28.57 0.26 -17.74
N VAL A 278 29.01 -1.00 -17.73
CA VAL A 278 28.19 -2.11 -17.25
C VAL A 278 28.28 -2.14 -15.73
N ILE A 279 27.12 -2.16 -15.07
CA ILE A 279 27.02 -2.15 -13.61
C ILE A 279 27.27 -3.54 -13.04
N GLY A 280 26.60 -4.53 -13.62
CA GLY A 280 26.56 -5.89 -13.08
C GLY A 280 25.31 -6.62 -13.57
N PRO A 281 25.13 -7.89 -13.15
CA PRO A 281 23.96 -8.65 -13.60
C PRO A 281 22.73 -8.31 -12.78
N LEU A 282 21.57 -8.40 -13.44
CA LEU A 282 20.27 -8.24 -12.78
C LEU A 282 20.06 -9.44 -11.86
N ARG A 283 19.60 -9.19 -10.63
N ARG A 283 19.62 -9.19 -10.63
CA ARG A 283 19.23 -10.26 -9.71
CA ARG A 283 19.20 -10.24 -9.70
C ARG A 283 17.93 -10.86 -10.21
C ARG A 283 17.94 -10.85 -10.27
N VAL A 284 17.96 -12.17 -10.49
CA VAL A 284 16.81 -12.90 -11.05
C VAL A 284 16.28 -13.88 -9.99
N HIS A 285 15.00 -14.22 -10.11
CA HIS A 285 14.37 -15.26 -9.30
C HIS A 285 13.62 -16.22 -10.25
N PRO A 286 13.70 -17.54 -10.01
CA PRO A 286 13.16 -18.52 -10.97
C PRO A 286 11.66 -18.48 -11.26
N ARG A 287 10.87 -18.08 -10.29
CA ARG A 287 9.41 -17.93 -10.46
C ARG A 287 9.02 -16.60 -11.13
N HIS A 288 9.99 -15.66 -11.25
CA HIS A 288 9.82 -14.35 -11.88
C HIS A 288 10.45 -14.34 -13.29
N VAL A 289 9.61 -14.46 -14.30
CA VAL A 289 10.05 -14.52 -15.69
C VAL A 289 9.88 -13.15 -16.35
N ILE A 290 11.00 -12.47 -16.58
CA ILE A 290 11.00 -11.20 -17.29
C ILE A 290 10.90 -11.46 -18.79
N ASP A 291 9.85 -10.93 -19.40
CA ASP A 291 9.61 -11.04 -20.85
C ASP A 291 10.56 -10.07 -21.55
N LEU A 292 11.48 -10.60 -22.34
CA LEU A 292 12.54 -9.77 -22.96
C LEU A 292 12.05 -8.74 -23.98
N ASP A 293 10.86 -8.93 -24.55
CA ASP A 293 10.29 -7.91 -25.45
C ASP A 293 10.12 -6.56 -24.73
N HIS A 294 9.64 -6.62 -23.49
CA HIS A 294 9.46 -5.42 -22.67
C HIS A 294 10.81 -4.77 -22.37
N ILE A 295 11.82 -5.57 -22.05
CA ILE A 295 13.17 -5.05 -21.87
C ILE A 295 13.64 -4.30 -23.11
N ARG A 296 13.53 -4.94 -24.26
CA ARG A 296 13.88 -4.29 -25.54
C ARG A 296 13.16 -2.98 -25.75
N TYR A 297 11.86 -2.94 -25.40
CA TYR A 297 11.04 -1.71 -25.55
C TYR A 297 11.57 -0.57 -24.71
N HIS A 298 11.85 -0.86 -23.45
CA HIS A 298 12.40 0.12 -22.52
C HIS A 298 13.74 0.66 -22.99
N ARG A 299 14.61 -0.24 -23.42
CA ARG A 299 15.91 0.12 -24.01
C ARG A 299 15.73 1.10 -25.18
N SER A 300 14.67 0.87 -25.95
CA SER A 300 14.37 1.66 -27.13
C SER A 300 13.74 3.03 -26.87
N GLN A 301 13.58 3.42 -25.61
CA GLN A 301 13.18 4.80 -25.24
C GLN A 301 14.37 5.74 -25.07
N LEU A 302 15.59 5.22 -25.11
CA LEU A 302 16.78 6.06 -24.97
C LEU A 302 17.03 6.88 -26.23
N PRO A 303 17.86 7.95 -26.15
CA PRO A 303 18.11 8.78 -27.33
C PRO A 303 18.77 8.04 -28.49
N ASN A 304 19.91 7.38 -28.24
CA ASN A 304 20.50 6.46 -29.22
C ASN A 304 20.23 5.08 -28.69
N ILE A 305 19.55 4.26 -29.49
CA ILE A 305 19.31 2.87 -29.11
C ILE A 305 20.66 2.17 -29.12
N PRO A 306 20.97 1.42 -28.04
CA PRO A 306 22.22 0.67 -28.02
C PRO A 306 22.32 -0.32 -29.17
N LEU A 307 23.38 -0.19 -29.96
CA LEU A 307 23.62 -1.06 -31.12
C LEU A 307 24.36 -2.33 -30.70
N GLU A 308 24.52 -3.24 -31.68
CA GLU A 308 25.30 -4.47 -31.53
C GLU A 308 26.77 -4.20 -31.13
N GLY A 309 27.19 -4.91 -30.08
CA GLY A 309 28.54 -4.80 -29.54
C GLY A 309 28.72 -3.70 -28.52
N SER A 310 27.62 -3.11 -28.03
CA SER A 310 27.66 -1.98 -27.07
C SER A 310 28.15 -2.37 -25.67
N SER A 311 27.98 -3.64 -25.32
CA SER A 311 28.44 -4.23 -24.04
C SER A 311 28.80 -5.72 -24.22
#